data_1H4K
#
_entry.id   1H4K
#
_cell.length_a   40.295
_cell.length_b   151.465
_cell.length_c   53.638
_cell.angle_alpha   90.00
_cell.angle_beta   90.00
_cell.angle_gamma   90.00
#
_symmetry.space_group_name_H-M   'P 21 21 2'
#
loop_
_entity.id
_entity.type
_entity.pdbx_description
1 polymer SULFURTRANSFERASE
2 non-polymer HYPOPHOSPHITE
3 non-polymer 'SULFATE ION'
4 non-polymer 1,2-ETHANEDIOL
5 water water
#
_entity_poly.entity_id   1
_entity_poly.type   'polypeptide(L)'
_entity_poly.pdbx_seq_one_letter_code
;MDDFASLPLVIEPADLQARLSAPELILVDLTSAARYAEGHIPGARFVDPKRTQLGQPPAPGLQPPREQLESLFGELGHRP
EAVYVVYDDEGGGWAGRFIWLLDVIGQQRYHYLNGGLTAWLAEDRPLSRELPAPAGGPVALSLHDEPTASRDYLLGRLGA
ADLAIWDARSPQEYRGEKVLAAKGGHIPGAVNFEWTAAMDPSRALRIRTDIAGRLEELGITPDKEIVTHCQTHHRSGLTY
LIAKALGYPRVKGYAGSWGEWGNHPDTPVEL
;
_entity_poly.pdbx_strand_id   X
#
loop_
_chem_comp.id
_chem_comp.type
_chem_comp.name
_chem_comp.formula
EDO non-polymer 1,2-ETHANEDIOL 'C2 H6 O2'
PO2 non-polymer HYPOPHOSPHITE 'O2 P -1'
SO4 non-polymer 'SULFATE ION' 'O4 S -2'
#
# COMPACT_ATOMS: atom_id res chain seq x y z
N MET A 1 -16.32 -12.83 -6.21
CA MET A 1 -16.15 -11.41 -5.78
C MET A 1 -17.47 -10.67 -5.96
N ASP A 2 -18.50 -11.41 -6.36
CA ASP A 2 -19.84 -10.85 -6.57
C ASP A 2 -19.90 -9.60 -7.43
N ASP A 3 -20.56 -8.56 -6.91
CA ASP A 3 -20.74 -7.30 -7.62
C ASP A 3 -19.47 -6.59 -8.07
N PHE A 4 -18.32 -6.97 -7.50
CA PHE A 4 -17.05 -6.33 -7.86
C PHE A 4 -16.18 -7.15 -8.80
N ALA A 5 -16.49 -8.43 -8.92
CA ALA A 5 -15.72 -9.35 -9.76
C ALA A 5 -15.37 -8.84 -11.16
N SER A 6 -16.27 -8.09 -11.78
CA SER A 6 -16.04 -7.59 -13.13
C SER A 6 -15.10 -6.38 -13.21
N LEU A 7 -14.79 -5.77 -12.08
CA LEU A 7 -13.94 -4.59 -12.06
C LEU A 7 -12.45 -4.89 -11.90
N PRO A 8 -11.58 -4.01 -12.43
CA PRO A 8 -10.13 -4.20 -12.31
C PRO A 8 -9.72 -3.81 -10.90
N LEU A 9 -8.46 -4.01 -10.55
CA LEU A 9 -7.98 -3.68 -9.22
C LEU A 9 -8.31 -2.23 -8.87
N VAL A 10 -7.89 -1.29 -9.71
CA VAL A 10 -8.17 0.11 -9.45
C VAL A 10 -9.54 0.49 -10.03
N ILE A 11 -10.43 0.94 -9.16
CA ILE A 11 -11.76 1.33 -9.57
C ILE A 11 -11.99 2.81 -9.35
N GLU A 12 -13.06 3.34 -9.93
CA GLU A 12 -13.38 4.76 -9.82
C GLU A 12 -14.50 5.00 -8.80
N PRO A 13 -14.63 6.24 -8.32
CA PRO A 13 -15.67 6.58 -7.35
C PRO A 13 -17.06 6.15 -7.83
N ALA A 14 -17.34 6.31 -9.12
CA ALA A 14 -18.63 5.93 -9.66
C ALA A 14 -18.88 4.43 -9.48
N ASP A 15 -17.84 3.62 -9.70
CA ASP A 15 -18.00 2.16 -9.55
C ASP A 15 -18.33 1.80 -8.11
N LEU A 16 -17.69 2.49 -7.17
CA LEU A 16 -17.93 2.23 -5.75
C LEU A 16 -19.28 2.75 -5.29
N GLN A 17 -19.64 3.95 -5.69
CA GLN A 17 -20.93 4.52 -5.26
C GLN A 17 -22.08 3.61 -5.64
N ALA A 18 -22.00 3.02 -6.83
CA ALA A 18 -23.05 2.13 -7.30
C ALA A 18 -23.09 0.79 -6.57
N ARG A 19 -22.05 0.48 -5.79
CA ARG A 19 -22.00 -0.79 -5.08
C ARG A 19 -21.85 -0.67 -3.56
N LEU A 20 -22.09 0.53 -3.03
CA LEU A 20 -21.97 0.75 -1.59
C LEU A 20 -22.79 -0.20 -0.73
N SER A 21 -23.89 -0.72 -1.27
CA SER A 21 -24.75 -1.63 -0.52
C SER A 21 -24.40 -3.11 -0.66
N ALA A 22 -23.40 -3.44 -1.49
CA ALA A 22 -23.02 -4.84 -1.66
C ALA A 22 -22.76 -5.46 -0.30
N PRO A 23 -23.40 -6.61 -0.02
CA PRO A 23 -23.27 -7.34 1.25
C PRO A 23 -21.86 -7.85 1.53
N GLU A 24 -21.14 -8.23 0.47
CA GLU A 24 -19.79 -8.76 0.60
C GLU A 24 -18.72 -7.69 0.77
N LEU A 25 -19.11 -6.43 0.60
CA LEU A 25 -18.18 -5.32 0.70
C LEU A 25 -17.68 -4.94 2.10
N ILE A 26 -16.36 -4.81 2.20
CA ILE A 26 -15.73 -4.35 3.43
C ILE A 26 -14.96 -3.12 2.99
N LEU A 27 -15.58 -1.96 3.13
CA LEU A 27 -14.96 -0.70 2.74
C LEU A 27 -14.04 -0.21 3.85
N VAL A 28 -12.76 -0.04 3.51
CA VAL A 28 -11.75 0.38 4.47
C VAL A 28 -11.24 1.80 4.25
N ASP A 29 -11.32 2.61 5.30
CA ASP A 29 -10.90 4.00 5.28
C ASP A 29 -9.63 4.17 6.11
N LEU A 30 -8.56 4.65 5.46
CA LEU A 30 -7.31 4.86 6.17
C LEU A 30 -6.88 6.32 6.08
N THR A 31 -7.81 7.21 6.42
CA THR A 31 -7.55 8.65 6.40
C THR A 31 -6.99 9.02 7.77
N SER A 32 -7.85 9.49 8.66
CA SER A 32 -7.45 9.84 10.02
C SER A 32 -8.71 9.89 10.87
N ALA A 33 -8.55 9.82 12.19
CA ALA A 33 -9.70 9.86 13.08
C ALA A 33 -10.54 11.10 12.78
N ALA A 34 -9.87 12.25 12.66
CA ALA A 34 -10.56 13.51 12.39
C ALA A 34 -11.29 13.47 11.05
N ARG A 35 -10.56 13.15 9.98
CA ARG A 35 -11.17 13.08 8.65
C ARG A 35 -12.33 12.09 8.61
N TYR A 36 -12.14 10.94 9.26
CA TYR A 36 -13.18 9.92 9.29
C TYR A 36 -14.44 10.42 10.00
N ALA A 37 -14.27 11.15 11.10
CA ALA A 37 -15.42 11.66 11.83
C ALA A 37 -16.09 12.80 11.06
N GLU A 38 -15.28 13.63 10.41
CA GLU A 38 -15.80 14.75 9.64
C GLU A 38 -16.74 14.25 8.54
N GLY A 39 -16.40 13.12 7.95
CA GLY A 39 -17.20 12.56 6.89
C GLY A 39 -16.44 11.53 6.09
N HIS A 40 -16.97 10.31 6.02
CA HIS A 40 -16.33 9.24 5.27
C HIS A 40 -17.31 8.64 4.26
N ILE A 41 -16.80 7.80 3.36
CA ILE A 41 -17.67 7.16 2.37
C ILE A 41 -18.63 6.26 3.15
N PRO A 42 -19.93 6.34 2.86
CA PRO A 42 -20.93 5.52 3.56
C PRO A 42 -20.57 4.05 3.69
N GLY A 43 -20.59 3.54 4.93
CA GLY A 43 -20.29 2.15 5.18
C GLY A 43 -18.83 1.86 5.45
N ALA A 44 -17.97 2.85 5.22
CA ALA A 44 -16.53 2.70 5.42
C ALA A 44 -16.19 2.43 6.88
N ARG A 45 -15.21 1.55 7.08
CA ARG A 45 -14.75 1.20 8.42
C ARG A 45 -13.35 1.79 8.56
N PHE A 46 -13.11 2.47 9.68
CA PHE A 46 -11.84 3.13 9.92
C PHE A 46 -10.73 2.27 10.47
N VAL A 47 -9.58 2.35 9.82
CA VAL A 47 -8.38 1.62 10.23
C VAL A 47 -7.29 2.67 10.36
N ASP A 48 -6.92 2.99 11.58
CA ASP A 48 -5.87 3.98 11.77
C ASP A 48 -4.59 3.47 11.12
N PRO A 49 -3.95 4.29 10.28
CA PRO A 49 -2.71 3.91 9.61
C PRO A 49 -1.67 3.28 10.51
N LYS A 50 -1.57 3.74 11.76
CA LYS A 50 -0.59 3.21 12.68
C LYS A 50 -0.84 1.72 12.96
N ARG A 51 -2.09 1.30 12.85
CA ARG A 51 -2.45 -0.09 13.09
C ARG A 51 -1.95 -1.04 12.00
N THR A 52 -1.42 -0.48 10.92
CA THR A 52 -0.92 -1.31 9.82
C THR A 52 0.59 -1.57 9.96
N GLN A 53 1.19 -1.00 11.01
CA GLN A 53 2.63 -1.14 11.23
C GLN A 53 2.99 -1.75 12.59
N LEU A 54 4.13 -2.42 12.63
CA LEU A 54 4.63 -3.04 13.86
C LEU A 54 4.85 -1.91 14.85
N GLY A 55 5.46 -0.83 14.37
CA GLY A 55 5.71 0.33 15.22
C GLY A 55 6.76 0.17 16.29
N GLN A 56 7.61 -0.84 16.18
CA GLN A 56 8.67 -1.06 17.16
C GLN A 56 10.00 -1.31 16.48
N PRO A 57 11.09 -0.82 17.09
CA PRO A 57 12.45 -1.00 16.56
C PRO A 57 12.84 -2.48 16.50
N PRO A 58 13.85 -2.82 15.68
CA PRO A 58 14.59 -1.88 14.83
C PRO A 58 13.91 -1.58 13.49
N ALA A 59 12.85 -2.31 13.18
CA ALA A 59 12.14 -2.10 11.92
C ALA A 59 10.63 -1.96 12.12
N PRO A 60 10.17 -0.73 12.41
CA PRO A 60 8.74 -0.46 12.63
C PRO A 60 7.85 -0.56 11.39
N GLY A 61 8.49 -0.59 10.21
CA GLY A 61 7.72 -0.68 8.98
C GLY A 61 7.21 -2.08 8.70
N LEU A 62 7.67 -3.05 9.49
CA LEU A 62 7.23 -4.42 9.31
C LEU A 62 5.73 -4.51 9.59
N GLN A 63 5.15 -5.65 9.23
CA GLN A 63 3.72 -5.88 9.46
C GLN A 63 3.49 -6.04 10.95
N PRO A 64 2.26 -5.75 11.40
CA PRO A 64 1.94 -5.88 12.83
C PRO A 64 2.05 -7.35 13.24
N PRO A 65 2.14 -7.61 14.55
CA PRO A 65 2.23 -9.00 15.00
C PRO A 65 0.93 -9.72 14.64
N ARG A 66 0.95 -11.04 14.67
CA ARG A 66 -0.24 -11.82 14.33
C ARG A 66 -1.48 -11.45 15.15
N GLU A 67 -1.30 -11.23 16.44
CA GLU A 67 -2.41 -10.88 17.33
C GLU A 67 -3.15 -9.62 16.90
N GLN A 68 -2.40 -8.57 16.60
CA GLN A 68 -3.00 -7.30 16.17
C GLN A 68 -3.78 -7.51 14.88
N LEU A 69 -3.19 -8.27 13.96
CA LEU A 69 -3.84 -8.54 12.68
C LEU A 69 -5.14 -9.32 12.84
N GLU A 70 -5.13 -10.35 13.66
CA GLU A 70 -6.32 -11.16 13.86
C GLU A 70 -7.45 -10.34 14.48
N SER A 71 -7.09 -9.43 15.38
CA SER A 71 -8.09 -8.57 16.02
C SER A 71 -8.60 -7.53 15.03
N LEU A 72 -7.68 -6.94 14.29
CA LEU A 72 -8.04 -5.92 13.30
C LEU A 72 -9.01 -6.47 12.27
N PHE A 73 -8.62 -7.56 11.61
CA PHE A 73 -9.48 -8.15 10.60
C PHE A 73 -10.76 -8.73 11.17
N GLY A 74 -10.72 -9.12 12.44
CA GLY A 74 -11.90 -9.65 13.07
C GLY A 74 -12.90 -8.51 13.22
N GLU A 75 -12.41 -7.33 13.59
CA GLU A 75 -13.26 -6.16 13.75
C GLU A 75 -13.81 -5.69 12.42
N LEU A 76 -13.02 -5.85 11.36
CA LEU A 76 -13.45 -5.44 10.02
C LEU A 76 -14.50 -6.39 9.47
N GLY A 77 -14.54 -7.61 9.98
CA GLY A 77 -15.51 -8.58 9.51
C GLY A 77 -14.96 -9.54 8.48
N HIS A 78 -13.64 -9.69 8.46
CA HIS A 78 -12.98 -10.59 7.50
C HIS A 78 -13.74 -11.92 7.45
N ARG A 79 -14.23 -12.25 6.26
CA ARG A 79 -14.98 -13.48 6.06
C ARG A 79 -14.72 -14.00 4.65
N PRO A 80 -15.03 -15.28 4.38
CA PRO A 80 -14.81 -15.90 3.07
C PRO A 80 -15.33 -15.10 1.87
N GLU A 81 -16.56 -14.59 1.97
CA GLU A 81 -17.16 -13.84 0.87
C GLU A 81 -16.64 -12.41 0.69
N ALA A 82 -15.90 -11.93 1.68
CA ALA A 82 -15.40 -10.56 1.65
C ALA A 82 -14.67 -10.08 0.40
N VAL A 83 -15.00 -8.85 0.00
CA VAL A 83 -14.36 -8.17 -1.12
C VAL A 83 -14.00 -6.81 -0.52
N TYR A 84 -12.72 -6.49 -0.50
CA TYR A 84 -12.26 -5.21 0.07
C TYR A 84 -12.08 -4.09 -0.94
N VAL A 85 -12.47 -2.89 -0.53
CA VAL A 85 -12.30 -1.69 -1.32
C VAL A 85 -11.58 -0.77 -0.34
N VAL A 86 -10.37 -0.35 -0.71
CA VAL A 86 -9.54 0.46 0.17
C VAL A 86 -9.28 1.89 -0.30
N TYR A 87 -9.22 2.83 0.64
CA TYR A 87 -8.96 4.21 0.28
C TYR A 87 -8.37 5.02 1.44
N ASP A 88 -7.69 6.10 1.09
CA ASP A 88 -7.13 7.01 2.08
C ASP A 88 -7.35 8.40 1.51
N ASP A 89 -6.70 9.41 2.08
CA ASP A 89 -6.89 10.76 1.58
C ASP A 89 -5.56 11.42 1.29
N GLU A 90 -4.59 10.61 0.87
CA GLU A 90 -3.25 11.10 0.58
C GLU A 90 -2.69 10.58 -0.75
N GLY A 91 -3.55 10.08 -1.63
CA GLY A 91 -3.05 9.59 -2.89
C GLY A 91 -2.76 8.10 -2.95
N GLY A 92 -3.12 7.37 -1.90
CA GLY A 92 -2.91 5.93 -1.92
C GLY A 92 -1.82 5.26 -1.11
N GLY A 93 -1.02 6.03 -0.38
CA GLY A 93 0.03 5.41 0.41
C GLY A 93 -0.46 4.37 1.40
N TRP A 94 -1.29 4.79 2.36
CA TRP A 94 -1.83 3.89 3.36
C TRP A 94 -2.74 2.83 2.77
N ALA A 95 -3.54 3.21 1.78
CA ALA A 95 -4.43 2.26 1.13
C ALA A 95 -3.61 1.16 0.48
N GLY A 96 -2.50 1.54 -0.16
CA GLY A 96 -1.64 0.56 -0.80
C GLY A 96 -0.96 -0.35 0.20
N ARG A 97 -0.58 0.21 1.35
CA ARG A 97 0.07 -0.59 2.38
C ARG A 97 -0.94 -1.59 2.91
N PHE A 98 -2.21 -1.18 2.99
CA PHE A 98 -3.25 -2.06 3.49
C PHE A 98 -3.47 -3.19 2.50
N ILE A 99 -3.39 -2.89 1.21
CA ILE A 99 -3.58 -3.91 0.20
C ILE A 99 -2.44 -4.92 0.30
N TRP A 100 -1.25 -4.43 0.68
CA TRP A 100 -0.09 -5.30 0.87
C TRP A 100 -0.43 -6.23 2.04
N LEU A 101 -1.07 -5.69 3.07
CA LEU A 101 -1.44 -6.50 4.22
C LEU A 101 -2.49 -7.53 3.79
N LEU A 102 -3.36 -7.13 2.87
CA LEU A 102 -4.37 -8.05 2.38
C LEU A 102 -3.66 -9.22 1.71
N ASP A 103 -2.59 -8.94 0.99
CA ASP A 103 -1.82 -10.00 0.35
C ASP A 103 -1.19 -10.86 1.44
N VAL A 104 -0.68 -10.21 2.48
CA VAL A 104 -0.07 -10.93 3.60
C VAL A 104 -1.02 -11.92 4.28
N ILE A 105 -2.30 -11.58 4.35
CA ILE A 105 -3.27 -12.49 4.99
C ILE A 105 -4.01 -13.38 4.00
N GLY A 106 -3.55 -13.39 2.75
CA GLY A 106 -4.17 -14.24 1.75
C GLY A 106 -5.47 -13.79 1.12
N GLN A 107 -5.88 -12.54 1.36
CA GLN A 107 -7.12 -12.05 0.76
C GLN A 107 -6.88 -11.98 -0.74
N GLN A 108 -7.82 -12.48 -1.53
CA GLN A 108 -7.65 -12.48 -2.98
C GLN A 108 -8.46 -11.38 -3.67
N ARG A 109 -9.62 -11.05 -3.12
CA ARG A 109 -10.47 -10.05 -3.73
C ARG A 109 -10.43 -8.68 -3.05
N TYR A 110 -9.95 -7.69 -3.78
CA TYR A 110 -9.88 -6.33 -3.27
C TYR A 110 -9.69 -5.32 -4.40
N HIS A 111 -9.95 -4.06 -4.09
CA HIS A 111 -9.81 -2.99 -5.06
C HIS A 111 -9.37 -1.72 -4.38
N TYR A 112 -8.73 -0.86 -5.16
CA TYR A 112 -8.27 0.43 -4.68
C TYR A 112 -9.14 1.51 -5.31
N LEU A 113 -9.62 2.44 -4.48
CA LEU A 113 -10.44 3.54 -4.99
C LEU A 113 -9.44 4.56 -5.53
N ASN A 114 -9.39 4.69 -6.85
CA ASN A 114 -8.48 5.62 -7.51
C ASN A 114 -8.71 7.04 -7.00
N GLY A 115 -7.69 7.63 -6.38
CA GLY A 115 -7.82 8.98 -5.87
C GLY A 115 -8.45 9.03 -4.48
N GLY A 116 -8.86 7.87 -3.98
CA GLY A 116 -9.46 7.80 -2.64
C GLY A 116 -10.48 8.87 -2.31
N LEU A 117 -10.42 9.37 -1.07
CA LEU A 117 -11.35 10.40 -0.61
C LEU A 117 -11.25 11.67 -1.45
N THR A 118 -10.03 11.99 -1.87
CA THR A 118 -9.79 13.18 -2.68
C THR A 118 -10.69 13.19 -3.91
N ALA A 119 -10.63 12.10 -4.68
CA ALA A 119 -11.44 11.99 -5.88
C ALA A 119 -12.93 11.96 -5.50
N TRP A 120 -13.25 11.25 -4.44
CA TRP A 120 -14.63 11.14 -3.98
C TRP A 120 -15.20 12.52 -3.63
N LEU A 121 -14.43 13.33 -2.92
CA LEU A 121 -14.87 14.66 -2.53
C LEU A 121 -14.92 15.59 -3.74
N ALA A 122 -13.94 15.48 -4.63
CA ALA A 122 -13.89 16.32 -5.82
C ALA A 122 -15.15 16.16 -6.67
N GLU A 123 -15.80 15.02 -6.57
CA GLU A 123 -17.03 14.77 -7.32
C GLU A 123 -18.27 14.96 -6.44
N ASP A 124 -18.06 15.55 -5.27
CA ASP A 124 -19.14 15.82 -4.32
C ASP A 124 -20.06 14.63 -4.06
N ARG A 125 -19.46 13.46 -3.81
CA ARG A 125 -20.27 12.27 -3.57
C ARG A 125 -20.70 12.14 -2.10
N PRO A 126 -21.75 11.34 -1.84
CA PRO A 126 -22.28 11.11 -0.50
C PRO A 126 -21.25 10.82 0.58
N LEU A 127 -21.45 11.44 1.75
CA LEU A 127 -20.59 11.25 2.90
C LEU A 127 -21.43 10.82 4.11
N SER A 128 -20.79 10.17 5.06
CA SER A 128 -21.47 9.70 6.26
C SER A 128 -20.60 9.94 7.48
N ARG A 129 -21.23 10.15 8.63
CA ARG A 129 -20.51 10.36 9.86
C ARG A 129 -20.93 9.27 10.83
N GLU A 130 -21.63 8.27 10.29
CA GLU A 130 -22.13 7.15 11.07
C GLU A 130 -21.13 6.01 11.18
N LEU A 131 -21.18 5.30 12.30
CA LEU A 131 -20.29 4.18 12.57
C LEU A 131 -20.88 2.82 12.22
N PRO A 132 -20.18 2.06 11.36
CA PRO A 132 -20.68 0.72 11.01
C PRO A 132 -20.48 -0.18 12.23
N ALA A 133 -21.31 -1.19 12.39
CA ALA A 133 -21.16 -2.08 13.54
C ALA A 133 -19.97 -3.01 13.31
N PRO A 134 -19.01 -3.04 14.26
CA PRO A 134 -17.85 -3.92 14.10
C PRO A 134 -18.33 -5.36 13.98
N ALA A 135 -17.55 -6.20 13.32
CA ALA A 135 -17.92 -7.59 13.13
C ALA A 135 -17.93 -8.33 14.45
N GLY A 136 -16.75 -8.66 14.96
CA GLY A 136 -16.67 -9.37 16.22
C GLY A 136 -15.25 -9.63 16.70
N GLY A 137 -15.06 -10.79 17.32
CA GLY A 137 -13.75 -11.15 17.84
C GLY A 137 -12.72 -11.41 16.77
N PRO A 138 -11.46 -11.63 17.17
CA PRO A 138 -10.36 -11.89 16.23
C PRO A 138 -10.57 -13.18 15.47
N VAL A 139 -10.13 -13.20 14.21
CA VAL A 139 -10.27 -14.40 13.39
C VAL A 139 -8.88 -14.95 13.13
N ALA A 140 -8.79 -16.27 12.95
CA ALA A 140 -7.53 -16.93 12.69
C ALA A 140 -7.06 -16.53 11.29
N LEU A 141 -5.77 -16.23 11.16
CA LEU A 141 -5.24 -15.83 9.88
C LEU A 141 -4.08 -16.68 9.37
N SER A 142 -4.00 -16.81 8.06
CA SER A 142 -2.92 -17.54 7.40
C SER A 142 -2.03 -16.45 6.82
N LEU A 143 -0.89 -16.22 7.47
CA LEU A 143 0.05 -15.18 7.05
C LEU A 143 1.02 -15.66 5.98
N HIS A 144 1.34 -14.79 5.03
CA HIS A 144 2.23 -15.14 3.93
C HIS A 144 3.44 -14.22 3.83
N ASP A 145 4.60 -14.80 3.53
CA ASP A 145 5.85 -14.07 3.40
C ASP A 145 6.09 -13.62 1.96
N GLU A 146 5.48 -14.33 1.01
CA GLU A 146 5.65 -14.04 -0.41
C GLU A 146 5.51 -12.57 -0.82
N PRO A 147 4.52 -11.84 -0.28
CA PRO A 147 4.33 -10.44 -0.64
C PRO A 147 5.40 -9.50 -0.08
N THR A 148 6.26 -10.06 0.77
CA THR A 148 7.29 -9.27 1.43
C THR A 148 8.72 -9.71 1.16
N ALA A 149 9.64 -8.75 1.10
CA ALA A 149 11.04 -9.04 0.89
C ALA A 149 11.78 -8.75 2.19
N SER A 150 12.52 -9.74 2.69
CA SER A 150 13.27 -9.56 3.93
C SER A 150 14.62 -8.92 3.60
N ARG A 151 15.34 -8.47 4.63
CA ARG A 151 16.64 -7.85 4.43
C ARG A 151 17.60 -8.85 3.78
N ASP A 152 17.64 -10.08 4.31
CA ASP A 152 18.50 -11.13 3.80
C ASP A 152 18.20 -11.46 2.33
N TYR A 153 16.91 -11.57 2.02
CA TYR A 153 16.48 -11.87 0.66
C TYR A 153 16.97 -10.84 -0.35
N LEU A 154 16.80 -9.57 0.00
CA LEU A 154 17.21 -8.48 -0.88
C LEU A 154 18.73 -8.45 -1.02
N LEU A 155 19.42 -8.67 0.10
CA LEU A 155 20.87 -8.69 0.09
C LEU A 155 21.41 -9.73 -0.87
N GLY A 156 20.76 -10.89 -0.93
CA GLY A 156 21.21 -11.94 -1.81
C GLY A 156 20.79 -11.75 -3.25
N ARG A 157 19.86 -10.83 -3.48
CA ARG A 157 19.35 -10.56 -4.83
C ARG A 157 20.00 -9.36 -5.52
N LEU A 158 20.69 -8.52 -4.77
CA LEU A 158 21.33 -7.34 -5.33
C LEU A 158 22.14 -7.65 -6.60
N GLY A 159 22.01 -6.79 -7.59
CA GLY A 159 22.73 -6.99 -8.85
C GLY A 159 22.04 -7.92 -9.82
N ALA A 160 20.98 -8.60 -9.36
CA ALA A 160 20.25 -9.53 -10.21
C ALA A 160 19.73 -8.88 -11.48
N ALA A 161 19.82 -9.60 -12.59
CA ALA A 161 19.37 -9.10 -13.87
C ALA A 161 17.84 -8.97 -13.94
N ASP A 162 17.15 -9.89 -13.27
CA ASP A 162 15.69 -9.88 -13.27
C ASP A 162 15.10 -9.25 -12.01
N LEU A 163 15.79 -8.25 -11.47
CA LEU A 163 15.33 -7.55 -10.29
C LEU A 163 15.40 -6.04 -10.50
N ALA A 164 14.35 -5.35 -10.06
CA ALA A 164 14.29 -3.88 -10.14
C ALA A 164 13.89 -3.42 -8.74
N ILE A 165 14.67 -2.50 -8.17
CA ILE A 165 14.35 -2.00 -6.85
C ILE A 165 13.76 -0.60 -6.99
N TRP A 166 12.46 -0.49 -6.72
CA TRP A 166 11.74 0.77 -6.82
C TRP A 166 11.81 1.52 -5.49
N ASP A 167 12.68 2.52 -5.43
CA ASP A 167 12.86 3.34 -4.25
C ASP A 167 11.85 4.48 -4.41
N ALA A 168 10.84 4.51 -3.55
CA ALA A 168 9.79 5.52 -3.63
C ALA A 168 10.02 6.77 -2.79
N ARG A 169 11.21 6.89 -2.20
CA ARG A 169 11.53 8.07 -1.39
C ARG A 169 11.77 9.26 -2.31
N SER A 170 11.98 10.44 -1.72
CA SER A 170 12.25 11.64 -2.50
C SER A 170 13.63 11.52 -3.12
N PRO A 171 13.86 12.24 -4.23
CA PRO A 171 15.15 12.20 -4.91
C PRO A 171 16.31 12.57 -3.98
N GLN A 172 16.08 13.56 -3.11
CA GLN A 172 17.15 13.97 -2.20
C GLN A 172 17.55 12.83 -1.26
N GLU A 173 16.60 11.99 -0.87
CA GLU A 173 16.91 10.86 0.00
C GLU A 173 17.66 9.80 -0.81
N TYR A 174 17.16 9.53 -2.01
CA TYR A 174 17.77 8.55 -2.90
C TYR A 174 19.24 8.89 -3.15
N ARG A 175 19.52 10.16 -3.39
CA ARG A 175 20.90 10.59 -3.65
C ARG A 175 21.73 10.77 -2.40
N GLY A 176 21.12 10.60 -1.23
CA GLY A 176 21.86 10.76 0.01
C GLY A 176 22.09 12.21 0.40
N GLU A 177 21.31 13.13 -0.17
CA GLU A 177 21.44 14.55 0.16
C GLU A 177 20.69 14.80 1.46
N LYS A 178 19.63 14.03 1.68
CA LYS A 178 18.82 14.13 2.89
C LYS A 178 18.97 12.79 3.59
N VAL A 179 19.71 12.78 4.70
CA VAL A 179 19.98 11.55 5.44
C VAL A 179 19.13 11.39 6.70
N LEU A 180 18.31 10.34 6.71
CA LEU A 180 17.43 10.06 7.83
C LEU A 180 17.84 8.79 8.59
N ALA A 181 19.04 8.28 8.28
CA ALA A 181 19.54 7.08 8.94
C ALA A 181 21.06 7.18 9.07
N ALA A 182 21.67 6.18 9.69
CA ALA A 182 23.12 6.18 9.86
C ALA A 182 23.80 6.33 8.50
N LYS A 183 23.25 5.68 7.49
CA LYS A 183 23.81 5.73 6.14
C LYS A 183 22.88 6.40 5.15
N GLY A 184 23.45 7.25 4.30
CA GLY A 184 22.65 7.94 3.30
C GLY A 184 22.86 7.29 1.94
N GLY A 185 21.91 7.50 1.04
CA GLY A 185 22.02 6.91 -0.30
C GLY A 185 20.88 5.96 -0.58
N HIS A 186 21.12 4.99 -1.45
CA HIS A 186 20.09 4.02 -1.79
C HIS A 186 20.63 2.61 -1.90
N ILE A 187 19.74 1.65 -2.04
CA ILE A 187 20.15 0.26 -2.17
C ILE A 187 20.86 0.13 -3.50
N PRO A 188 22.00 -0.59 -3.52
CA PRO A 188 22.76 -0.78 -4.77
C PRO A 188 21.93 -1.22 -5.95
N GLY A 189 22.00 -0.47 -7.03
CA GLY A 189 21.26 -0.80 -8.24
C GLY A 189 19.82 -0.34 -8.29
N ALA A 190 19.33 0.22 -7.19
CA ALA A 190 17.96 0.68 -7.13
C ALA A 190 17.71 1.92 -7.99
N VAL A 191 16.48 2.07 -8.45
CA VAL A 191 16.11 3.24 -9.25
C VAL A 191 15.10 4.03 -8.43
N ASN A 192 14.98 5.32 -8.71
CA ASN A 192 14.09 6.17 -7.94
C ASN A 192 12.90 6.74 -8.68
N PHE A 193 11.72 6.59 -8.08
CA PHE A 193 10.49 7.15 -8.62
C PHE A 193 9.63 7.49 -7.41
N GLU A 194 9.76 8.72 -6.93
CA GLU A 194 9.04 9.21 -5.77
C GLU A 194 7.55 8.91 -5.85
N TRP A 195 6.97 8.45 -4.74
CA TRP A 195 5.56 8.10 -4.71
C TRP A 195 4.65 9.25 -5.17
N THR A 196 5.03 10.48 -4.83
CA THR A 196 4.25 11.65 -5.23
C THR A 196 4.22 11.82 -6.75
N ALA A 197 5.28 11.40 -7.43
CA ALA A 197 5.36 11.51 -8.89
C ALA A 197 4.41 10.55 -9.59
N ALA A 198 3.85 9.59 -8.86
CA ALA A 198 2.94 8.62 -9.44
C ALA A 198 1.49 9.12 -9.43
N MET A 199 1.24 10.20 -8.70
CA MET A 199 -0.09 10.78 -8.59
C MET A 199 -0.29 11.94 -9.55
N ASP A 200 -1.55 12.23 -9.85
CA ASP A 200 -1.90 13.33 -10.73
C ASP A 200 -2.79 14.30 -9.94
N PRO A 201 -2.19 15.37 -9.39
CA PRO A 201 -2.95 16.35 -8.62
C PRO A 201 -4.08 17.02 -9.43
N SER A 202 -3.98 16.98 -10.75
CA SER A 202 -5.00 17.59 -11.59
C SER A 202 -6.20 16.65 -11.71
N ARG A 203 -6.03 15.42 -11.21
CA ARG A 203 -7.11 14.44 -11.26
C ARG A 203 -7.41 13.88 -9.87
N ALA A 204 -7.51 14.77 -8.90
CA ALA A 204 -7.83 14.41 -7.51
C ALA A 204 -6.91 13.31 -6.97
N LEU A 205 -5.63 13.39 -7.30
CA LEU A 205 -4.63 12.43 -6.85
C LEU A 205 -4.82 11.00 -7.31
N ARG A 206 -5.41 10.82 -8.49
CA ARG A 206 -5.57 9.49 -9.05
C ARG A 206 -4.19 9.08 -9.55
N ILE A 207 -4.01 7.80 -9.83
CA ILE A 207 -2.75 7.31 -10.36
C ILE A 207 -2.62 7.90 -11.77
N ARG A 208 -1.47 8.48 -12.11
CA ARG A 208 -1.29 9.05 -13.44
C ARG A 208 -1.53 7.99 -14.52
N THR A 209 -2.30 8.38 -15.54
CA THR A 209 -2.66 7.46 -16.60
C THR A 209 -1.49 6.96 -17.44
N ASP A 210 -0.38 7.69 -17.43
CA ASP A 210 0.80 7.32 -18.21
C ASP A 210 1.82 6.60 -17.34
N ILE A 211 1.40 6.15 -16.17
CA ILE A 211 2.29 5.48 -15.22
C ILE A 211 3.16 4.35 -15.78
N ALA A 212 2.58 3.49 -16.62
CA ALA A 212 3.31 2.37 -17.20
C ALA A 212 4.58 2.80 -17.91
N GLY A 213 4.44 3.74 -18.85
CA GLY A 213 5.60 4.23 -19.58
C GLY A 213 6.67 4.82 -18.68
N ARG A 214 6.25 5.49 -17.62
CA ARG A 214 7.19 6.12 -16.69
C ARG A 214 8.01 5.07 -15.94
N LEU A 215 7.37 3.99 -15.53
CA LEU A 215 8.07 2.94 -14.81
C LEU A 215 9.01 2.23 -15.79
N GLU A 216 8.53 2.03 -17.00
CA GLU A 216 9.34 1.36 -18.02
C GLU A 216 10.62 2.10 -18.35
N GLU A 217 10.57 3.43 -18.32
CA GLU A 217 11.75 4.24 -18.59
C GLU A 217 12.84 3.99 -17.56
N LEU A 218 12.45 3.49 -16.40
CA LEU A 218 13.41 3.23 -15.33
C LEU A 218 13.77 1.76 -15.18
N GLY A 219 13.33 0.93 -16.12
CA GLY A 219 13.62 -0.48 -16.06
C GLY A 219 12.71 -1.23 -15.10
N ILE A 220 11.70 -0.55 -14.58
CA ILE A 220 10.74 -1.17 -13.67
C ILE A 220 9.69 -1.84 -14.55
N THR A 221 10.01 -3.04 -15.01
CA THR A 221 9.15 -3.80 -15.92
C THR A 221 8.65 -5.10 -15.31
N PRO A 222 7.46 -5.56 -15.75
CA PRO A 222 6.80 -6.78 -15.28
C PRO A 222 7.58 -8.07 -15.42
N ASP A 223 8.56 -8.09 -16.32
CA ASP A 223 9.38 -9.27 -16.55
C ASP A 223 10.44 -9.38 -15.45
N LYS A 224 10.45 -8.41 -14.56
CA LYS A 224 11.41 -8.40 -13.46
C LYS A 224 10.69 -8.48 -12.13
N GLU A 225 11.36 -9.02 -11.13
CA GLU A 225 10.77 -9.07 -9.80
C GLU A 225 10.89 -7.63 -9.33
N ILE A 226 9.80 -7.07 -8.80
CA ILE A 226 9.84 -5.70 -8.33
C ILE A 226 9.79 -5.63 -6.81
N VAL A 227 10.82 -5.05 -6.21
CA VAL A 227 10.86 -4.89 -4.77
C VAL A 227 10.81 -3.38 -4.56
N THR A 228 9.80 -2.93 -3.82
CA THR A 228 9.66 -1.49 -3.58
C THR A 228 9.76 -1.15 -2.10
N HIS A 229 10.20 0.05 -1.80
CA HIS A 229 10.35 0.48 -0.41
C HIS A 229 10.47 1.99 -0.31
N CYS A 230 10.40 2.49 0.92
CA CYS A 230 10.53 3.91 1.20
C CYS A 230 11.37 3.99 2.46
N GLN A 231 11.03 4.88 3.38
CA GLN A 231 11.76 4.98 4.64
C GLN A 231 11.18 3.96 5.62
N THR A 232 9.85 3.83 5.63
CA THR A 232 9.16 2.89 6.54
C THR A 232 8.04 2.10 5.87
N HIS A 233 8.16 1.86 4.57
CA HIS A 233 7.14 1.13 3.80
C HIS A 233 5.75 1.76 3.83
N HIS A 234 5.68 3.09 3.87
CA HIS A 234 4.39 3.78 3.86
C HIS A 234 4.12 4.27 2.45
N ARG A 235 4.99 5.15 1.96
CA ARG A 235 4.88 5.70 0.62
C ARG A 235 4.96 4.56 -0.39
N SER A 236 5.78 3.55 -0.09
CA SER A 236 5.93 2.40 -0.99
C SER A 236 4.69 1.54 -0.98
N GLY A 237 3.69 1.93 -0.19
CA GLY A 237 2.45 1.18 -0.18
C GLY A 237 1.78 1.43 -1.52
N LEU A 238 1.85 2.68 -1.97
CA LEU A 238 1.26 3.09 -3.24
C LEU A 238 1.97 2.45 -4.43
N THR A 239 3.29 2.48 -4.41
CA THR A 239 4.07 1.92 -5.52
C THR A 239 3.81 0.42 -5.61
N TYR A 240 3.69 -0.23 -4.46
CA TYR A 240 3.41 -1.67 -4.40
C TYR A 240 2.07 -1.90 -5.11
N LEU A 241 1.09 -1.10 -4.73
CA LEU A 241 -0.26 -1.17 -5.29
C LEU A 241 -0.22 -0.95 -6.80
N ILE A 242 0.52 0.04 -7.24
CA ILE A 242 0.62 0.35 -8.66
C ILE A 242 1.15 -0.84 -9.46
N ALA A 243 2.23 -1.46 -8.98
CA ALA A 243 2.80 -2.61 -9.69
C ALA A 243 1.74 -3.71 -9.81
N LYS A 244 1.05 -4.01 -8.72
CA LYS A 244 0.02 -5.04 -8.78
C LYS A 244 -1.09 -4.65 -9.75
N ALA A 245 -1.51 -3.38 -9.69
CA ALA A 245 -2.56 -2.87 -10.57
C ALA A 245 -2.22 -3.03 -12.05
N LEU A 246 -0.96 -2.85 -12.40
CA LEU A 246 -0.53 -2.96 -13.78
C LEU A 246 -0.33 -4.41 -14.21
N GLY A 247 -0.59 -5.35 -13.32
CA GLY A 247 -0.45 -6.75 -13.64
C GLY A 247 0.96 -7.30 -13.54
N TYR A 248 1.84 -6.61 -12.82
CA TYR A 248 3.20 -7.11 -12.65
C TYR A 248 3.06 -8.41 -11.88
N PRO A 249 3.56 -9.52 -12.42
CA PRO A 249 3.46 -10.83 -11.75
C PRO A 249 4.29 -11.04 -10.49
N ARG A 250 5.45 -10.39 -10.38
CA ARG A 250 6.29 -10.56 -9.20
C ARG A 250 6.55 -9.23 -8.49
N VAL A 251 5.85 -9.04 -7.37
CA VAL A 251 5.95 -7.81 -6.60
C VAL A 251 6.11 -8.08 -5.11
N LYS A 252 7.06 -7.38 -4.49
CA LYS A 252 7.30 -7.53 -3.07
C LYS A 252 7.53 -6.19 -2.39
N GLY A 253 7.07 -6.08 -1.15
CA GLY A 253 7.28 -4.87 -0.40
C GLY A 253 8.43 -5.14 0.58
N TYR A 254 9.49 -4.34 0.49
CA TYR A 254 10.60 -4.51 1.42
C TYR A 254 10.17 -3.69 2.63
N ALA A 255 9.38 -4.33 3.50
CA ALA A 255 8.83 -3.69 4.69
C ALA A 255 9.87 -3.02 5.58
N GLY A 256 11.03 -3.66 5.71
CA GLY A 256 12.09 -3.10 6.53
C GLY A 256 12.40 -1.69 6.06
N SER A 257 12.49 -1.53 4.73
CA SER A 257 12.76 -0.25 4.11
C SER A 257 14.05 0.42 4.58
N TRP A 258 14.25 1.67 4.21
CA TRP A 258 15.48 2.37 4.59
C TRP A 258 15.66 2.48 6.09
N GLY A 259 14.57 2.52 6.84
CA GLY A 259 14.67 2.61 8.29
C GLY A 259 15.54 1.47 8.77
N GLU A 260 15.49 0.34 8.06
CA GLU A 260 16.30 -0.81 8.42
C GLU A 260 17.62 -0.76 7.64
N TRP A 261 17.52 -0.78 6.32
CA TRP A 261 18.70 -0.78 5.45
C TRP A 261 19.74 0.30 5.75
N GLY A 262 19.31 1.55 5.89
CA GLY A 262 20.25 2.62 6.18
C GLY A 262 20.87 2.53 7.57
N ASN A 263 20.32 1.67 8.42
CA ASN A 263 20.85 1.53 9.77
C ASN A 263 21.49 0.18 10.08
N HIS A 264 21.29 -0.80 9.22
CA HIS A 264 21.86 -2.13 9.48
C HIS A 264 23.35 -2.22 9.14
N PRO A 265 24.11 -2.93 9.98
CA PRO A 265 25.56 -3.11 9.80
C PRO A 265 25.96 -3.82 8.50
N ASP A 266 25.14 -4.78 8.08
CA ASP A 266 25.42 -5.59 6.90
C ASP A 266 25.07 -4.99 5.53
N THR A 267 24.22 -3.99 5.51
CA THR A 267 23.75 -3.42 4.25
C THR A 267 24.61 -2.40 3.50
N PRO A 268 24.97 -2.72 2.25
CA PRO A 268 25.78 -1.82 1.42
C PRO A 268 24.89 -0.72 0.85
N VAL A 269 25.41 0.50 0.79
CA VAL A 269 24.65 1.62 0.27
C VAL A 269 25.33 2.21 -0.96
N GLU A 270 24.55 2.86 -1.81
CA GLU A 270 25.06 3.45 -3.04
C GLU A 270 24.56 4.87 -3.24
N LEU A 271 25.45 5.77 -3.64
CA LEU A 271 25.10 7.16 -3.89
C LEU A 271 24.72 7.40 -5.35
P PO2 B . 8.09 6.77 4.66
O1 PO2 B . 6.79 6.38 3.64
O2 PO2 B . 7.80 7.10 6.02
S SO4 C . 4.12 -18.06 1.89
O1 SO4 C . 5.10 -18.93 1.20
O2 SO4 C . 2.87 -18.83 2.12
O3 SO4 C . 4.67 -17.63 3.18
O4 SO4 C . 3.82 -16.88 1.05
S SO4 D . 17.25 -10.50 11.59
O1 SO4 D . 18.71 -10.44 11.39
O2 SO4 D . 16.64 -11.34 10.54
O3 SO4 D . 16.97 -11.10 12.92
O4 SO4 D . 16.68 -9.15 11.53
C1 EDO E . 19.26 -4.07 -8.12
O1 EDO E . 20.46 -4.44 -7.24
C2 EDO E . 18.88 -5.15 -9.15
O2 EDO E . 20.15 -5.47 -10.01
C1 EDO F . -13.04 -0.64 12.69
O1 EDO F . -14.22 -1.36 13.37
C2 EDO F . -11.81 -1.54 12.46
O2 EDO F . -11.09 -1.72 13.84
#